data_1SJ8
#
_entry.id   1SJ8
#
_cell.length_a   105.810
_cell.length_b   105.810
_cell.length_c   173.792
_cell.angle_alpha   90.00
_cell.angle_beta   90.00
_cell.angle_gamma   120.00
#
_symmetry.space_group_name_H-M   'H 3 2'
#
loop_
_entity.id
_entity.type
_entity.pdbx_description
1 polymer 'Talin 1'
2 water water
#
_entity_poly.entity_id   1
_entity_poly.type   'polypeptide(L)'
_entity_poly.pdbx_seq_one_letter_code
;RGHMPPLTSAQQALTGTINSSMQAVQAAQATLDDFETLPPLGQDAASKAWRKNKMDESKHEIHSQVDAITAGTASVVNLT
AGDPAETDYTAVGCAVTTISSNLTEMSRGVKLLAALLEDEGGNGRPLLQAAKGLAGAVSELLRSAQPASAEPRQNLLQAA
GNVGQASGELLQQIGESDTDPHFQDVLMQLANAVASAAAALVLKAKSVAQRTEDSGLQTQVIAAATQCALSTSQLVACTK
VVAPTISSPVCQEQLVEAGRLVAKAVEGCVSASQAATEDGQLLRGVGAAATAVTQALNELLQHVKAHA
;
_entity_poly.pdbx_strand_id   A
#
# COMPACT_ATOMS: atom_id res chain seq x y z
N PRO A 5 1.57 25.80 7.47
CA PRO A 5 2.75 26.00 8.33
C PRO A 5 3.99 25.33 7.76
N PRO A 6 5.17 25.96 7.91
CA PRO A 6 6.42 25.46 7.39
C PRO A 6 6.70 24.19 8.12
N LEU A 7 7.31 23.22 7.44
CA LEU A 7 7.69 22.00 8.03
C LEU A 7 8.46 22.15 9.34
N THR A 8 8.27 21.22 10.25
CA THR A 8 9.08 21.22 11.42
C THR A 8 10.36 20.45 11.10
N SER A 9 11.31 20.50 12.04
CA SER A 9 12.54 19.71 11.94
C SER A 9 12.33 18.22 11.69
N ALA A 10 11.39 17.59 12.39
CA ALA A 10 11.17 16.15 12.17
C ALA A 10 10.70 15.86 10.72
N GLN A 11 9.88 16.79 10.21
CA GLN A 11 9.32 16.77 8.88
C GLN A 11 10.34 17.03 7.83
N GLN A 12 11.26 17.96 8.10
CA GLN A 12 12.32 18.32 7.18
C GLN A 12 13.22 17.13 7.14
N ALA A 13 13.45 16.51 8.30
CA ALA A 13 14.27 15.36 8.24
C ALA A 13 13.59 14.25 7.38
N LEU A 14 12.32 13.96 7.54
CA LEU A 14 11.75 12.97 6.69
C LEU A 14 11.97 13.27 5.23
N THR A 15 11.90 14.55 4.85
CA THR A 15 12.10 15.02 3.48
C THR A 15 13.51 14.66 2.95
N GLY A 16 14.46 14.79 3.81
CA GLY A 16 15.77 14.43 3.38
C GLY A 16 15.87 12.94 3.21
N THR A 17 15.02 12.18 3.88
CA THR A 17 15.13 10.80 3.65
C THR A 17 14.42 10.38 2.33
N ILE A 18 13.22 10.91 2.10
CA ILE A 18 12.56 10.61 0.92
C ILE A 18 13.55 11.11 -0.17
N ASN A 19 14.24 12.23 0.00
CA ASN A 19 15.02 12.71 -1.14
C ASN A 19 16.11 11.73 -1.57
N SER A 20 16.84 11.20 -0.60
CA SER A 20 17.83 10.18 -0.78
C SER A 20 17.23 8.89 -1.38
N SER A 21 16.06 8.52 -0.91
CA SER A 21 15.46 7.36 -1.45
C SER A 21 14.93 7.52 -2.89
N MET A 22 14.27 8.66 -3.19
CA MET A 22 13.82 9.00 -4.53
C MET A 22 15.03 8.94 -5.49
N GLN A 23 16.12 9.49 -5.09
CA GLN A 23 17.32 9.41 -5.89
C GLN A 23 17.86 7.97 -6.17
N ALA A 24 17.71 7.09 -5.18
CA ALA A 24 18.12 5.73 -5.37
C ALA A 24 17.09 4.95 -6.25
N VAL A 25 15.88 5.47 -6.35
CA VAL A 25 14.84 4.73 -7.03
C VAL A 25 15.02 5.13 -8.44
N GLN A 26 15.54 6.32 -8.65
CA GLN A 26 15.71 6.81 -10.00
C GLN A 26 16.94 6.12 -10.69
N ALA A 27 17.95 5.79 -9.88
CA ALA A 27 19.19 5.04 -10.22
C ALA A 27 18.89 3.60 -10.56
N ALA A 28 18.08 2.97 -9.72
CA ALA A 28 17.74 1.57 -9.95
C ALA A 28 16.90 1.52 -11.21
N GLN A 29 16.03 2.52 -11.34
CA GLN A 29 15.18 2.61 -12.51
C GLN A 29 16.11 2.75 -13.72
N ALA A 30 17.17 3.53 -13.57
CA ALA A 30 18.06 3.65 -14.70
C ALA A 30 19.02 2.45 -14.77
N THR A 31 18.56 1.23 -14.60
CA THR A 31 19.48 0.10 -14.49
C THR A 31 18.72 -1.00 -15.12
N LEU A 32 17.43 -0.75 -15.25
CA LEU A 32 16.54 -1.71 -15.82
C LEU A 32 16.41 -1.55 -17.32
N ASP A 33 17.38 -0.88 -17.95
CA ASP A 33 17.38 -0.69 -19.37
C ASP A 33 17.75 -1.95 -20.10
N ASP A 34 18.94 -2.46 -19.82
CA ASP A 34 19.34 -3.68 -20.50
C ASP A 34 19.57 -4.89 -19.55
N PHE A 35 19.97 -6.02 -20.12
CA PHE A 35 20.21 -7.17 -19.31
C PHE A 35 21.58 -7.14 -18.66
N GLU A 36 21.77 -7.86 -17.56
CA GLU A 36 23.13 -7.94 -16.99
C GLU A 36 23.92 -8.85 -17.94
N THR A 37 25.08 -8.40 -18.31
CA THR A 37 25.87 -9.16 -19.27
C THR A 37 26.28 -10.52 -18.69
N LEU A 38 25.95 -11.60 -19.39
CA LEU A 38 26.21 -12.95 -18.85
C LEU A 38 27.41 -13.49 -19.57
N PRO A 39 28.24 -14.34 -18.93
CA PRO A 39 29.41 -14.90 -19.61
C PRO A 39 28.93 -16.08 -20.40
N PRO A 40 28.77 -15.91 -21.71
CA PRO A 40 28.23 -16.98 -22.53
C PRO A 40 28.82 -18.23 -21.97
N LEU A 41 27.93 -19.18 -21.67
CA LEU A 41 28.32 -20.43 -21.08
C LEU A 41 28.29 -21.56 -22.11
N GLY A 42 27.34 -22.49 -21.91
CA GLY A 42 27.12 -23.60 -22.82
C GLY A 42 26.69 -24.80 -22.02
N GLN A 43 26.42 -25.90 -22.71
CA GLN A 43 25.95 -27.10 -22.04
C GLN A 43 27.11 -27.73 -21.28
N ASP A 44 28.22 -27.00 -21.27
CA ASP A 44 29.37 -27.30 -20.43
C ASP A 44 28.84 -27.79 -19.05
N ALA A 45 29.45 -28.83 -18.50
CA ALA A 45 29.01 -29.28 -17.17
C ALA A 45 28.40 -28.14 -16.27
N ALA A 46 29.24 -27.62 -15.38
CA ALA A 46 28.88 -26.59 -14.43
C ALA A 46 27.88 -25.58 -15.00
N SER A 47 28.33 -24.85 -16.04
CA SER A 47 27.48 -23.91 -16.77
C SER A 47 25.99 -24.36 -16.76
N LYS A 48 25.64 -25.45 -17.48
CA LYS A 48 24.26 -25.97 -17.59
C LYS A 48 23.33 -25.83 -16.37
N ALA A 49 23.91 -26.00 -15.18
CA ALA A 49 23.12 -25.93 -13.96
C ALA A 49 23.54 -24.66 -13.27
N TRP A 50 23.98 -23.68 -14.03
CA TRP A 50 24.29 -22.45 -13.37
C TRP A 50 23.09 -21.59 -13.64
N ARG A 51 22.55 -21.68 -14.84
CA ARG A 51 21.38 -20.91 -15.17
C ARG A 51 20.23 -21.25 -14.21
N LYS A 52 20.21 -22.49 -13.71
CA LYS A 52 19.15 -22.91 -12.75
C LYS A 52 19.37 -22.46 -11.28
N ASN A 53 20.60 -22.56 -10.82
CA ASN A 53 21.02 -22.11 -9.50
C ASN A 53 20.70 -20.63 -9.40
N LYS A 54 21.48 -19.83 -10.09
CA LYS A 54 21.22 -18.39 -10.16
C LYS A 54 19.78 -18.05 -10.57
N MET A 55 19.10 -18.89 -11.32
CA MET A 55 17.75 -18.48 -11.64
C MET A 55 16.89 -18.55 -10.39
N ASP A 56 17.10 -19.62 -9.63
CA ASP A 56 16.30 -19.87 -8.45
C ASP A 56 16.67 -19.01 -7.27
N GLU A 57 17.96 -18.66 -7.06
CA GLU A 57 18.38 -17.79 -5.94
C GLU A 57 17.63 -16.47 -6.18
N SER A 58 17.93 -15.83 -7.28
CA SER A 58 17.27 -14.59 -7.53
C SER A 58 15.73 -14.62 -7.66
N LYS A 59 15.16 -15.74 -8.07
CA LYS A 59 13.71 -15.79 -8.15
C LYS A 59 13.04 -15.73 -6.71
N HIS A 60 13.77 -16.13 -5.70
CA HIS A 60 13.19 -16.09 -4.41
C HIS A 60 13.68 -14.82 -3.69
N GLU A 61 14.90 -14.39 -3.93
CA GLU A 61 15.26 -13.11 -3.42
C GLU A 61 14.23 -12.15 -3.97
N ILE A 62 14.07 -11.97 -5.28
CA ILE A 62 13.07 -11.00 -5.70
C ILE A 62 11.86 -11.03 -4.80
N HIS A 63 11.46 -12.22 -4.48
CA HIS A 63 10.21 -12.40 -3.77
C HIS A 63 10.26 -11.73 -2.44
N SER A 64 11.31 -11.99 -1.69
CA SER A 64 11.35 -11.51 -0.37
C SER A 64 11.43 -10.00 -0.40
N GLN A 65 12.15 -9.45 -1.38
CA GLN A 65 12.30 -8.03 -1.53
C GLN A 65 11.00 -7.34 -1.96
N VAL A 66 10.21 -7.98 -2.80
CA VAL A 66 8.93 -7.38 -3.12
C VAL A 66 8.09 -7.40 -1.85
N ASP A 67 8.36 -8.34 -0.97
CA ASP A 67 7.57 -8.53 0.21
C ASP A 67 7.77 -7.36 1.17
N ALA A 68 9.00 -6.89 1.20
CA ALA A 68 9.32 -5.77 2.00
C ALA A 68 8.92 -4.44 1.38
N ILE A 69 8.84 -4.34 0.04
CA ILE A 69 8.34 -3.17 -0.59
C ILE A 69 6.85 -3.07 -0.22
N THR A 70 6.07 -4.09 -0.32
CA THR A 70 4.66 -3.95 -0.10
C THR A 70 4.35 -3.69 1.37
N ALA A 71 5.01 -4.40 2.23
CA ALA A 71 4.86 -4.27 3.63
C ALA A 71 5.24 -2.85 4.02
N GLY A 72 6.32 -2.34 3.47
CA GLY A 72 6.75 -1.05 3.81
C GLY A 72 5.79 -0.04 3.20
N THR A 73 5.17 -0.32 2.04
CA THR A 73 4.37 0.70 1.52
C THR A 73 3.04 0.60 2.30
N ALA A 74 2.79 -0.48 3.04
CA ALA A 74 1.49 -0.46 3.66
C ALA A 74 1.71 0.28 4.91
N SER A 75 2.90 0.15 5.37
CA SER A 75 3.39 0.78 6.58
C SER A 75 3.50 2.30 6.41
N VAL A 76 4.18 2.77 5.42
CA VAL A 76 4.09 4.19 5.21
C VAL A 76 2.61 4.70 5.17
N VAL A 77 1.68 4.04 4.51
CA VAL A 77 0.30 4.47 4.43
C VAL A 77 -0.33 4.57 5.84
N ASN A 78 -0.14 3.55 6.64
CA ASN A 78 -0.69 3.51 7.96
C ASN A 78 -0.02 4.55 8.84
N LEU A 79 1.26 4.81 8.64
CA LEU A 79 1.97 5.64 9.60
C LEU A 79 1.66 7.06 9.36
N THR A 80 1.34 7.43 8.15
CA THR A 80 1.13 8.84 7.88
C THR A 80 -0.32 9.17 7.99
N ALA A 81 -1.09 8.22 8.41
CA ALA A 81 -2.52 8.46 8.50
C ALA A 81 -2.86 9.50 9.60
N GLY A 82 -1.97 9.60 10.55
CA GLY A 82 -2.16 10.46 11.67
C GLY A 82 -2.25 11.91 11.28
N ASP A 83 -2.26 12.73 12.31
CA ASP A 83 -2.28 14.15 12.13
C ASP A 83 -0.93 14.71 12.58
N PRO A 84 -0.21 15.32 11.62
CA PRO A 84 1.09 15.98 11.86
C PRO A 84 1.24 16.51 13.31
N ALA A 85 1.86 15.65 14.12
CA ALA A 85 2.04 15.96 15.54
C ALA A 85 1.75 14.72 16.30
N GLU A 86 0.96 13.83 15.71
CA GLU A 86 0.76 12.49 16.24
C GLU A 86 1.51 11.57 15.25
N THR A 87 2.09 12.12 14.22
CA THR A 87 2.88 11.33 13.29
C THR A 87 4.31 11.02 13.76
N ASP A 88 4.75 9.80 13.55
CA ASP A 88 6.08 9.44 13.96
C ASP A 88 6.89 9.44 12.69
N TYR A 89 7.66 10.50 12.49
CA TYR A 89 8.36 10.73 11.24
C TYR A 89 9.61 9.92 11.04
N THR A 90 10.15 9.35 12.11
CA THR A 90 11.33 8.47 12.02
C THR A 90 10.90 7.04 11.58
N ALA A 91 9.73 6.60 12.04
CA ALA A 91 9.22 5.35 11.65
C ALA A 91 8.92 5.44 10.18
N VAL A 92 8.11 6.42 9.73
CA VAL A 92 7.89 6.52 8.31
C VAL A 92 9.23 6.65 7.56
N GLY A 93 10.13 7.41 8.09
CA GLY A 93 11.34 7.47 7.34
C GLY A 93 11.95 6.07 7.26
N CYS A 94 11.82 5.27 8.32
CA CYS A 94 12.43 4.03 8.30
C CYS A 94 11.69 3.17 7.27
N ALA A 95 10.36 3.23 7.25
CA ALA A 95 9.68 2.46 6.26
C ALA A 95 10.17 2.83 4.83
N VAL A 96 10.40 4.13 4.57
CA VAL A 96 10.76 4.52 3.18
C VAL A 96 12.12 3.99 2.80
N THR A 97 13.07 4.08 3.72
CA THR A 97 14.35 3.51 3.45
C THR A 97 14.27 1.98 3.19
N THR A 98 13.37 1.29 3.85
CA THR A 98 13.14 -0.14 3.61
C THR A 98 12.57 -0.42 2.18
N ILE A 99 11.67 0.44 1.70
CA ILE A 99 11.16 0.31 0.40
C ILE A 99 12.32 0.52 -0.57
N SER A 100 13.05 1.59 -0.36
CA SER A 100 14.19 2.05 -1.14
C SER A 100 15.28 0.99 -1.29
N SER A 101 15.86 0.50 -0.18
CA SER A 101 16.94 -0.36 -0.34
C SER A 101 16.55 -1.73 -0.92
N ASN A 102 15.34 -2.16 -0.65
CA ASN A 102 14.81 -3.33 -1.28
C ASN A 102 14.62 -3.17 -2.80
N LEU A 103 14.27 -1.98 -3.32
CA LEU A 103 14.09 -1.82 -4.72
C LEU A 103 15.47 -1.88 -5.41
N THR A 104 16.50 -1.30 -4.78
CA THR A 104 17.82 -1.40 -5.29
C THR A 104 18.23 -2.89 -5.31
N GLU A 105 17.85 -3.67 -4.34
CA GLU A 105 18.34 -5.02 -4.38
C GLU A 105 17.64 -5.90 -5.38
N MET A 106 16.37 -5.66 -5.56
CA MET A 106 15.51 -6.44 -6.40
C MET A 106 15.87 -6.20 -7.83
N SER A 107 16.41 -5.01 -8.16
CA SER A 107 16.83 -4.63 -9.52
C SER A 107 18.02 -5.40 -9.92
N ARG A 108 18.98 -5.53 -9.03
CA ARG A 108 20.13 -6.34 -9.39
C ARG A 108 19.63 -7.73 -9.78
N GLY A 109 18.82 -8.33 -8.92
CA GLY A 109 18.29 -9.67 -9.17
C GLY A 109 17.52 -9.73 -10.48
N VAL A 110 16.78 -8.72 -10.81
CA VAL A 110 15.99 -8.86 -12.02
C VAL A 110 16.86 -8.73 -13.28
N LYS A 111 17.87 -7.84 -13.26
CA LYS A 111 18.73 -7.69 -14.43
C LYS A 111 19.26 -9.05 -14.76
N LEU A 112 19.65 -9.80 -13.74
CA LEU A 112 20.32 -11.07 -13.90
C LEU A 112 19.34 -12.09 -14.36
N LEU A 113 18.24 -12.21 -13.61
CA LEU A 113 17.23 -13.20 -13.93
C LEU A 113 16.68 -12.95 -15.34
N ALA A 114 16.14 -11.76 -15.59
CA ALA A 114 15.65 -11.49 -16.91
C ALA A 114 16.64 -11.86 -18.08
N ALA A 115 17.94 -11.77 -17.85
CA ALA A 115 18.90 -12.13 -18.83
C ALA A 115 18.99 -13.67 -19.04
N LEU A 116 18.78 -14.46 -17.98
CA LEU A 116 18.73 -15.91 -18.11
C LEU A 116 17.47 -16.35 -18.90
N LEU A 117 16.34 -15.67 -18.74
CA LEU A 117 15.18 -15.98 -19.57
C LEU A 117 15.43 -15.54 -21.02
N GLU A 118 16.24 -14.50 -21.15
CA GLU A 118 16.51 -13.90 -22.44
C GLU A 118 17.49 -14.75 -23.22
N ASP A 119 18.33 -15.51 -22.53
CA ASP A 119 19.29 -16.37 -23.21
C ASP A 119 18.62 -17.72 -23.19
N GLU A 120 18.74 -18.38 -22.04
CA GLU A 120 18.25 -19.75 -21.96
C GLU A 120 16.92 -19.90 -22.70
N GLY A 121 15.83 -19.35 -22.22
CA GLY A 121 14.57 -19.47 -22.95
C GLY A 121 14.70 -18.65 -24.20
N GLY A 122 13.74 -17.74 -24.41
CA GLY A 122 13.73 -16.80 -25.54
C GLY A 122 13.82 -15.30 -25.17
N ASN A 123 12.65 -14.73 -24.81
CA ASN A 123 12.46 -13.35 -24.34
C ASN A 123 12.20 -13.23 -22.82
N GLY A 124 12.99 -12.40 -22.17
CA GLY A 124 12.82 -12.19 -20.77
C GLY A 124 12.90 -10.73 -20.48
N ARG A 125 12.66 -9.92 -21.52
CA ARG A 125 12.52 -8.48 -21.40
C ARG A 125 11.25 -8.00 -20.68
N PRO A 126 10.15 -8.73 -20.75
CA PRO A 126 9.02 -8.38 -19.89
C PRO A 126 9.37 -8.35 -18.39
N LEU A 127 10.56 -8.81 -17.99
CA LEU A 127 10.89 -8.82 -16.60
C LEU A 127 11.40 -7.46 -16.27
N LEU A 128 12.23 -6.93 -17.15
CA LEU A 128 12.79 -5.62 -16.90
C LEU A 128 11.62 -4.69 -16.96
N GLN A 129 10.68 -5.06 -17.79
CA GLN A 129 9.50 -4.26 -18.01
C GLN A 129 8.67 -4.18 -16.72
N ALA A 130 8.32 -5.31 -16.13
CA ALA A 130 7.59 -5.34 -14.86
C ALA A 130 8.32 -4.54 -13.77
N ALA A 131 9.62 -4.80 -13.64
CA ALA A 131 10.46 -4.15 -12.65
C ALA A 131 10.40 -2.62 -12.76
N LYS A 132 10.34 -2.06 -13.98
CA LYS A 132 10.25 -0.60 -14.13
C LYS A 132 8.89 -0.11 -13.69
N GLY A 133 7.87 -0.92 -13.99
CA GLY A 133 6.54 -0.71 -13.45
C GLY A 133 6.59 -0.48 -11.91
N LEU A 134 7.19 -1.40 -11.17
CA LEU A 134 7.29 -1.25 -9.73
C LEU A 134 8.12 0.02 -9.24
N ALA A 135 9.31 0.13 -9.79
CA ALA A 135 10.21 1.17 -9.48
C ALA A 135 9.41 2.44 -9.66
N GLY A 136 8.93 2.66 -10.89
CA GLY A 136 8.17 3.84 -11.25
C GLY A 136 7.04 4.02 -10.28
N ALA A 137 6.35 2.95 -9.98
CA ALA A 137 5.33 3.04 -8.99
C ALA A 137 5.86 3.49 -7.57
N VAL A 138 7.04 3.01 -7.13
CA VAL A 138 7.41 3.41 -5.83
C VAL A 138 7.88 4.79 -5.88
N SER A 139 8.55 5.27 -6.92
CA SER A 139 8.67 6.73 -7.15
C SER A 139 7.40 7.57 -7.02
N GLU A 140 6.29 7.13 -7.57
CA GLU A 140 5.10 7.91 -7.26
C GLU A 140 4.68 7.80 -5.77
N LEU A 141 5.05 6.75 -5.07
CA LEU A 141 4.63 6.69 -3.71
C LEU A 141 5.50 7.63 -2.91
N LEU A 142 6.75 7.74 -3.22
CA LEU A 142 7.62 8.58 -2.49
C LEU A 142 7.22 10.04 -2.67
N ARG A 143 6.91 10.48 -3.87
CA ARG A 143 6.51 11.85 -4.08
C ARG A 143 5.28 12.25 -3.23
N SER A 144 4.31 11.39 -3.11
CA SER A 144 3.17 11.66 -2.22
C SER A 144 3.40 11.65 -0.74
N ALA A 145 4.51 11.01 -0.34
CA ALA A 145 4.94 10.95 1.03
C ALA A 145 5.58 12.26 1.53
N GLN A 146 6.05 13.10 0.62
CA GLN A 146 6.62 14.39 0.97
C GLN A 146 5.69 15.17 1.86
N PRO A 147 6.03 15.38 3.13
CA PRO A 147 5.16 16.09 4.07
C PRO A 147 4.85 17.51 3.71
N ALA A 148 5.53 18.13 2.80
CA ALA A 148 5.10 19.46 2.45
C ALA A 148 4.31 19.44 1.20
N SER A 149 3.52 18.41 0.93
CA SER A 149 2.81 18.43 -0.31
C SER A 149 1.37 18.49 -0.05
N ALA A 150 0.69 19.18 -0.97
CA ALA A 150 -0.76 19.18 -1.04
C ALA A 150 -1.24 17.99 -1.98
N GLU A 151 -2.31 17.28 -1.69
CA GLU A 151 -2.61 16.26 -2.64
C GLU A 151 -4.07 16.19 -3.10
N PRO A 152 -4.98 15.77 -2.25
CA PRO A 152 -4.71 15.37 -0.88
C PRO A 152 -4.43 13.89 -0.69
N ARG A 153 -4.72 13.42 0.54
CA ARG A 153 -4.48 12.08 1.03
C ARG A 153 -4.73 11.00 -0.04
N GLN A 154 -5.89 11.02 -0.69
CA GLN A 154 -6.20 10.02 -1.68
C GLN A 154 -5.13 9.82 -2.74
N ASN A 155 -4.29 10.83 -2.91
CA ASN A 155 -3.23 10.78 -3.87
C ASN A 155 -2.16 9.81 -3.36
N LEU A 156 -1.84 9.80 -2.07
CA LEU A 156 -0.88 8.82 -1.60
C LEU A 156 -1.51 7.44 -1.67
N LEU A 157 -2.80 7.37 -1.37
CA LEU A 157 -3.55 6.12 -1.35
C LEU A 157 -3.48 5.35 -2.68
N GLN A 158 -3.80 6.03 -3.73
CA GLN A 158 -3.73 5.49 -5.07
C GLN A 158 -2.30 5.02 -5.39
N ALA A 159 -1.34 5.88 -5.20
CA ALA A 159 0.01 5.51 -5.47
C ALA A 159 0.44 4.22 -4.69
N ALA A 160 0.06 4.04 -3.46
CA ALA A 160 0.42 2.87 -2.76
C ALA A 160 -0.26 1.66 -3.40
N GLY A 161 -1.55 1.73 -3.67
CA GLY A 161 -2.21 0.60 -4.28
C GLY A 161 -1.60 0.27 -5.65
N ASN A 162 -1.11 1.29 -6.38
CA ASN A 162 -0.39 1.00 -7.58
C ASN A 162 0.85 0.20 -7.34
N VAL A 163 1.42 0.25 -6.13
CA VAL A 163 2.67 -0.38 -5.86
C VAL A 163 2.37 -1.78 -5.69
N GLY A 164 1.24 -2.05 -5.05
CA GLY A 164 0.83 -3.44 -4.88
C GLY A 164 0.61 -4.13 -6.26
N GLN A 165 -0.05 -3.40 -7.14
CA GLN A 165 -0.40 -3.89 -8.41
C GLN A 165 0.86 -4.26 -9.15
N ALA A 166 1.76 -3.30 -9.30
CA ALA A 166 3.03 -3.60 -9.94
C ALA A 166 3.78 -4.73 -9.18
N SER A 167 3.62 -4.89 -7.90
CA SER A 167 4.33 -5.99 -7.33
C SER A 167 3.70 -7.28 -7.82
N GLY A 168 2.37 -7.33 -7.93
CA GLY A 168 1.66 -8.50 -8.40
C GLY A 168 2.05 -8.94 -9.82
N GLU A 169 1.94 -8.01 -10.76
CA GLU A 169 2.34 -8.31 -12.08
C GLU A 169 3.78 -8.68 -12.16
N LEU A 170 4.62 -8.21 -11.24
CA LEU A 170 6.04 -8.60 -11.25
C LEU A 170 6.24 -10.02 -10.79
N LEU A 171 5.77 -10.35 -9.61
CA LEU A 171 5.92 -11.71 -9.09
C LEU A 171 5.24 -12.76 -10.02
N GLN A 172 4.29 -12.29 -10.82
CA GLN A 172 3.52 -13.12 -11.74
C GLN A 172 4.45 -13.48 -12.88
N GLN A 173 5.29 -12.51 -13.27
CA GLN A 173 6.24 -12.76 -14.33
C GLN A 173 7.01 -13.86 -13.76
N ILE A 174 7.88 -13.63 -12.79
CA ILE A 174 8.72 -14.74 -12.26
C ILE A 174 7.99 -15.93 -11.61
N GLY A 175 6.66 -15.98 -11.78
CA GLY A 175 5.81 -17.00 -11.19
C GLY A 175 6.15 -17.32 -9.75
N GLU A 176 6.50 -16.29 -8.98
CA GLU A 176 6.88 -16.47 -7.59
C GLU A 176 5.69 -16.28 -6.56
N SER A 177 4.47 -16.10 -7.13
CA SER A 177 3.11 -15.64 -6.63
C SER A 177 2.17 -16.39 -5.66
N ASP A 178 2.65 -16.75 -4.49
CA ASP A 178 1.75 -17.35 -3.50
C ASP A 178 0.30 -16.93 -3.28
N THR A 179 -0.33 -15.94 -3.88
CA THR A 179 -1.65 -15.98 -3.32
C THR A 179 -2.66 -16.33 -4.29
N ASP A 180 -2.84 -17.62 -4.47
CA ASP A 180 -3.97 -18.06 -5.20
C ASP A 180 -4.65 -16.82 -5.78
N PRO A 181 -4.37 -16.52 -7.02
CA PRO A 181 -4.95 -15.36 -7.67
C PRO A 181 -6.43 -15.33 -7.45
N HIS A 182 -7.05 -14.20 -7.75
CA HIS A 182 -8.49 -14.05 -7.64
C HIS A 182 -8.95 -14.20 -6.18
N PHE A 183 -8.20 -14.96 -5.36
CA PHE A 183 -8.49 -14.97 -3.95
C PHE A 183 -8.20 -13.54 -3.50
N GLN A 184 -7.38 -12.93 -4.32
CA GLN A 184 -7.02 -11.54 -4.16
C GLN A 184 -8.25 -10.73 -4.52
N ASP A 185 -8.95 -11.13 -5.57
CA ASP A 185 -10.16 -10.41 -5.99
C ASP A 185 -11.28 -10.63 -4.99
N VAL A 186 -11.17 -11.68 -4.21
CA VAL A 186 -12.16 -11.84 -3.16
C VAL A 186 -11.85 -10.81 -2.08
N LEU A 187 -10.55 -10.50 -1.90
CA LEU A 187 -10.02 -9.51 -0.94
C LEU A 187 -10.42 -8.12 -1.37
N MET A 188 -10.27 -7.92 -2.67
CA MET A 188 -10.60 -6.67 -3.29
C MET A 188 -12.06 -6.43 -3.20
N GLN A 189 -12.91 -7.42 -3.39
CA GLN A 189 -14.35 -7.16 -3.26
C GLN A 189 -14.82 -7.03 -1.77
N LEU A 190 -14.14 -7.77 -0.90
CA LEU A 190 -14.48 -7.80 0.47
C LEU A 190 -14.07 -6.46 1.12
N ALA A 191 -13.03 -5.85 0.61
CA ALA A 191 -12.70 -4.56 1.11
C ALA A 191 -13.56 -3.54 0.44
N ASN A 192 -14.23 -3.83 -0.63
CA ASN A 192 -15.06 -2.76 -1.13
C ASN A 192 -16.46 -2.79 -0.49
N ALA A 193 -16.85 -3.88 0.16
CA ALA A 193 -18.15 -3.96 0.82
C ALA A 193 -18.05 -3.14 2.10
N VAL A 194 -16.80 -2.94 2.55
CA VAL A 194 -16.55 -2.10 3.70
C VAL A 194 -16.67 -0.66 3.28
N ALA A 195 -16.11 -0.29 2.15
CA ALA A 195 -16.24 1.13 1.68
C ALA A 195 -17.66 1.59 1.43
N SER A 196 -18.46 0.74 0.78
CA SER A 196 -19.84 1.12 0.44
C SER A 196 -20.73 1.09 1.69
N ALA A 197 -20.53 0.09 2.56
CA ALA A 197 -21.17 0.07 3.86
C ALA A 197 -20.88 1.40 4.64
N ALA A 198 -19.65 1.91 4.45
CA ALA A 198 -19.20 3.15 4.98
C ALA A 198 -19.86 4.41 4.34
N ALA A 199 -20.04 4.41 3.03
CA ALA A 199 -20.64 5.54 2.33
C ALA A 199 -22.04 5.68 2.87
N ALA A 200 -22.67 4.54 3.17
CA ALA A 200 -23.96 4.51 3.84
C ALA A 200 -23.80 5.18 5.18
N LEU A 201 -22.81 4.79 5.95
CA LEU A 201 -22.62 5.48 7.21
C LEU A 201 -22.37 6.98 7.04
N VAL A 202 -21.37 7.36 6.25
CA VAL A 202 -21.07 8.78 6.01
C VAL A 202 -22.35 9.48 5.60
N LEU A 203 -23.15 8.74 4.88
CA LEU A 203 -24.43 9.26 4.43
C LEU A 203 -25.38 9.53 5.59
N LYS A 204 -25.79 8.45 6.26
CA LYS A 204 -26.66 8.58 7.42
C LYS A 204 -26.14 9.69 8.34
N ALA A 205 -24.86 10.09 8.26
CA ALA A 205 -24.42 11.18 9.14
C ALA A 205 -24.64 12.55 8.54
N LYS A 206 -24.88 12.61 7.23
CA LYS A 206 -25.22 13.86 6.57
C LYS A 206 -26.56 14.19 7.15
N SER A 207 -27.43 13.20 7.29
CA SER A 207 -28.74 13.53 7.76
C SER A 207 -28.69 14.13 9.15
N VAL A 208 -28.16 13.33 10.09
CA VAL A 208 -28.18 13.67 11.51
C VAL A 208 -27.69 15.06 11.48
N ALA A 209 -26.58 15.20 10.81
CA ALA A 209 -26.10 16.48 11.08
C ALA A 209 -26.46 17.52 10.20
N GLN A 210 -27.29 17.28 9.19
CA GLN A 210 -27.90 18.54 8.85
C GLN A 210 -29.13 18.68 9.71
N ARG A 211 -29.19 18.15 10.91
CA ARG A 211 -30.31 18.58 11.78
C ARG A 211 -29.65 19.02 13.08
N THR A 212 -28.33 19.04 13.05
CA THR A 212 -27.69 19.35 14.27
C THR A 212 -28.09 20.65 14.61
N GLU A 213 -28.93 20.45 15.59
CA GLU A 213 -29.28 21.41 16.50
C GLU A 213 -28.08 22.37 16.62
N ASP A 214 -28.39 23.56 16.15
CA ASP A 214 -27.42 24.60 16.09
C ASP A 214 -26.00 24.40 16.39
N SER A 215 -25.43 23.87 15.32
CA SER A 215 -24.00 23.93 15.06
C SER A 215 -23.38 23.24 16.15
N GLY A 216 -22.14 23.65 16.45
CA GLY A 216 -21.39 23.11 17.59
C GLY A 216 -21.16 21.74 17.05
N LEU A 217 -20.21 20.98 17.41
CA LEU A 217 -20.13 20.22 16.21
C LEU A 217 -21.39 19.37 15.78
N GLN A 218 -22.30 19.47 14.84
CA GLN A 218 -22.31 19.65 13.42
C GLN A 218 -21.20 19.67 12.48
N THR A 219 -20.22 20.46 12.80
CA THR A 219 -19.07 20.43 12.00
C THR A 219 -18.13 19.29 12.42
N GLN A 220 -18.36 18.62 13.57
CA GLN A 220 -17.65 17.45 14.02
C GLN A 220 -18.35 16.21 13.52
N VAL A 221 -19.66 16.20 13.45
CA VAL A 221 -20.26 15.07 12.75
C VAL A 221 -19.82 14.97 11.28
N ILE A 222 -19.71 16.11 10.55
CA ILE A 222 -19.17 16.06 9.20
C ILE A 222 -17.67 15.65 9.25
N ALA A 223 -16.89 16.30 10.09
CA ALA A 223 -15.49 15.94 10.26
C ALA A 223 -15.32 14.49 10.57
N ALA A 224 -16.21 13.92 11.34
CA ALA A 224 -16.06 12.52 11.70
C ALA A 224 -16.47 11.68 10.52
N ALA A 225 -17.46 12.10 9.77
CA ALA A 225 -17.94 11.31 8.65
C ALA A 225 -16.91 11.23 7.54
N THR A 226 -16.20 12.32 7.37
CA THR A 226 -15.12 12.47 6.43
C THR A 226 -13.92 11.57 6.83
N GLN A 227 -13.70 11.38 8.10
CA GLN A 227 -12.61 10.51 8.54
C GLN A 227 -13.01 9.09 8.33
N CYS A 228 -14.28 8.79 8.55
CA CYS A 228 -14.70 7.46 8.21
C CYS A 228 -14.32 7.10 6.76
N ALA A 229 -14.71 7.96 5.80
CA ALA A 229 -14.48 7.67 4.41
C ALA A 229 -13.05 7.51 4.16
N LEU A 230 -12.26 8.41 4.68
CA LEU A 230 -10.86 8.42 4.40
C LEU A 230 -10.20 7.22 5.05
N SER A 231 -10.68 6.75 6.18
CA SER A 231 -10.01 5.61 6.76
C SER A 231 -10.44 4.43 5.97
N THR A 232 -11.68 4.42 5.54
CA THR A 232 -12.13 3.29 4.79
C THR A 232 -11.38 3.25 3.48
N SER A 233 -11.29 4.40 2.88
CA SER A 233 -10.57 4.53 1.65
C SER A 233 -9.12 4.06 1.81
N GLN A 234 -8.56 4.15 2.98
CA GLN A 234 -7.23 3.64 3.22
C GLN A 234 -7.16 2.10 3.31
N LEU A 235 -8.21 1.47 3.81
CA LEU A 235 -8.27 0.04 3.88
C LEU A 235 -8.22 -0.58 2.49
N VAL A 236 -8.98 0.04 1.59
CA VAL A 236 -9.01 -0.34 0.18
C VAL A 236 -7.64 -0.30 -0.49
N ALA A 237 -6.91 0.79 -0.31
CA ALA A 237 -5.53 0.92 -0.80
C ALA A 237 -4.61 -0.09 -0.23
N CYS A 238 -4.62 -0.28 1.07
CA CYS A 238 -3.82 -1.31 1.71
C CYS A 238 -4.17 -2.73 1.21
N THR A 239 -5.46 -3.04 1.08
CA THR A 239 -5.84 -4.37 0.60
C THR A 239 -5.19 -4.57 -0.78
N LYS A 240 -5.29 -3.55 -1.63
CA LYS A 240 -4.72 -3.58 -2.95
C LYS A 240 -3.21 -3.80 -2.88
N VAL A 241 -2.53 -3.16 -1.96
CA VAL A 241 -1.11 -3.25 -1.85
C VAL A 241 -0.61 -4.54 -1.26
N VAL A 242 -1.34 -5.11 -0.34
CA VAL A 242 -0.85 -6.31 0.34
C VAL A 242 -1.47 -7.57 -0.31
N ALA A 243 -2.50 -7.42 -1.14
CA ALA A 243 -3.07 -8.62 -1.71
C ALA A 243 -2.03 -9.61 -2.41
N PRO A 244 -1.21 -9.10 -3.29
CA PRO A 244 -0.27 -9.96 -3.98
C PRO A 244 0.65 -10.69 -3.00
N THR A 245 0.51 -10.35 -1.75
CA THR A 245 1.31 -10.95 -0.69
C THR A 245 0.42 -11.60 0.38
N ILE A 246 0.01 -10.91 1.40
CA ILE A 246 -0.87 -11.56 2.39
C ILE A 246 -0.43 -12.89 2.87
N SER A 247 0.54 -13.50 2.21
CA SER A 247 1.14 -14.69 2.71
C SER A 247 2.10 -14.23 3.75
N SER A 248 2.62 -13.01 3.59
CA SER A 248 3.63 -12.43 4.44
C SER A 248 3.01 -11.97 5.74
N PRO A 249 3.51 -12.47 6.86
CA PRO A 249 2.87 -12.15 8.12
C PRO A 249 2.86 -10.64 8.32
N VAL A 250 3.86 -9.91 7.85
CA VAL A 250 3.79 -8.45 8.15
C VAL A 250 2.75 -7.61 7.29
N CYS A 251 2.43 -8.04 6.09
CA CYS A 251 1.46 -7.29 5.33
C CYS A 251 0.14 -7.43 5.99
N GLN A 252 0.03 -8.54 6.66
CA GLN A 252 -1.18 -8.86 7.36
C GLN A 252 -1.23 -7.92 8.59
N GLU A 253 -0.22 -7.95 9.44
CA GLU A 253 -0.23 -7.00 10.52
C GLU A 253 -0.73 -5.64 10.01
N GLN A 254 -0.17 -5.16 8.90
CA GLN A 254 -0.57 -3.82 8.41
C GLN A 254 -1.99 -3.82 7.97
N LEU A 255 -2.40 -4.89 7.30
CA LEU A 255 -3.76 -4.90 6.86
C LEU A 255 -4.71 -4.78 8.02
N VAL A 256 -4.47 -5.48 9.15
CA VAL A 256 -5.42 -5.38 10.24
C VAL A 256 -5.27 -4.04 10.96
N GLU A 257 -4.12 -3.40 10.85
CA GLU A 257 -3.90 -2.14 11.49
C GLU A 257 -4.69 -1.11 10.71
N ALA A 258 -4.99 -1.34 9.46
CA ALA A 258 -5.78 -0.35 8.82
C ALA A 258 -7.25 -0.67 9.19
N GLY A 259 -7.48 -1.90 9.60
CA GLY A 259 -8.82 -2.24 10.01
C GLY A 259 -9.21 -1.45 11.26
N ARG A 260 -8.23 -1.31 12.14
CA ARG A 260 -8.37 -0.61 13.45
C ARG A 260 -8.60 0.90 13.22
N LEU A 261 -7.90 1.49 12.25
CA LEU A 261 -8.16 2.89 11.91
C LEU A 261 -9.57 2.94 11.46
N VAL A 262 -10.05 1.96 10.74
CA VAL A 262 -11.45 1.97 10.36
C VAL A 262 -12.45 1.80 11.54
N ALA A 263 -12.21 0.87 12.44
CA ALA A 263 -13.09 0.70 13.59
C ALA A 263 -13.23 1.96 14.39
N LYS A 264 -12.08 2.62 14.60
CA LYS A 264 -12.01 3.86 15.27
C LYS A 264 -12.65 4.96 14.44
N ALA A 265 -12.53 4.95 13.16
CA ALA A 265 -13.15 6.07 12.57
C ALA A 265 -14.66 5.82 12.72
N VAL A 266 -15.04 4.56 12.80
CA VAL A 266 -16.44 4.27 12.83
C VAL A 266 -17.09 4.67 14.18
N GLU A 267 -16.45 4.27 15.28
CA GLU A 267 -16.92 4.54 16.60
C GLU A 267 -17.00 6.08 16.84
N GLY A 268 -16.10 6.77 16.17
CA GLY A 268 -15.93 8.20 16.37
C GLY A 268 -17.02 8.90 15.62
N CYS A 269 -17.63 8.13 14.79
CA CYS A 269 -18.65 8.62 14.01
C CYS A 269 -19.95 8.50 14.79
N VAL A 270 -20.11 7.46 15.61
CA VAL A 270 -21.33 7.34 16.38
C VAL A 270 -21.32 8.34 17.54
N SER A 271 -20.21 8.56 18.20
CA SER A 271 -20.28 9.50 19.25
C SER A 271 -20.49 10.95 18.69
N ALA A 272 -19.87 11.32 17.58
CA ALA A 272 -20.25 12.66 17.07
C ALA A 272 -21.75 12.83 16.92
N SER A 273 -22.43 11.82 16.35
CA SER A 273 -23.89 11.86 16.05
C SER A 273 -24.68 11.94 17.37
N GLN A 274 -24.23 11.14 18.35
CA GLN A 274 -24.95 11.02 19.62
C GLN A 274 -24.78 12.29 20.45
N ALA A 275 -23.71 13.00 20.26
CA ALA A 275 -23.50 14.23 20.99
C ALA A 275 -24.49 15.25 20.41
N ALA A 276 -24.97 14.96 19.20
CA ALA A 276 -25.95 15.80 18.53
C ALA A 276 -27.34 15.07 18.56
N THR A 277 -27.38 14.05 19.46
CA THR A 277 -28.46 13.05 19.79
C THR A 277 -29.89 13.36 19.65
N GLU A 278 -30.60 12.24 19.80
CA GLU A 278 -32.05 12.05 19.82
C GLU A 278 -32.79 12.09 18.49
N ASP A 279 -33.55 11.01 18.28
CA ASP A 279 -34.40 10.85 17.11
C ASP A 279 -34.27 9.39 16.70
N GLY A 280 -34.89 9.04 15.56
CA GLY A 280 -34.80 7.73 14.94
C GLY A 280 -33.56 7.71 14.03
N GLN A 281 -33.05 8.91 13.77
CA GLN A 281 -31.89 9.14 12.93
C GLN A 281 -30.70 8.54 13.61
N LEU A 282 -30.81 8.42 14.90
CA LEU A 282 -29.70 7.95 15.69
C LEU A 282 -29.61 6.45 15.58
N LEU A 283 -30.76 5.78 15.56
CA LEU A 283 -30.79 4.32 15.49
C LEU A 283 -30.15 3.93 14.19
N ARG A 284 -30.18 4.86 13.26
CA ARG A 284 -29.73 4.56 11.92
C ARG A 284 -28.23 4.57 11.85
N GLY A 285 -27.61 5.56 12.51
CA GLY A 285 -26.19 5.59 12.68
C GLY A 285 -25.79 4.22 13.19
N VAL A 286 -26.24 3.82 14.35
CA VAL A 286 -25.74 2.53 14.86
C VAL A 286 -25.90 1.34 13.92
N GLY A 287 -26.92 1.40 13.07
CA GLY A 287 -27.21 0.35 12.09
C GLY A 287 -26.15 0.39 11.01
N ALA A 288 -25.91 1.56 10.47
CA ALA A 288 -24.92 1.65 9.44
C ALA A 288 -23.63 1.28 10.08
N ALA A 289 -23.44 1.71 11.32
CA ALA A 289 -22.21 1.36 12.02
C ALA A 289 -22.09 -0.12 12.19
N ALA A 290 -23.17 -0.79 12.55
CA ALA A 290 -23.10 -2.24 12.67
C ALA A 290 -22.68 -2.77 11.32
N THR A 291 -23.24 -2.19 10.26
CA THR A 291 -22.95 -2.68 8.95
C THR A 291 -21.48 -2.68 8.62
N ALA A 292 -20.84 -1.51 8.69
CA ALA A 292 -19.44 -1.46 8.37
C ALA A 292 -18.68 -2.33 9.33
N VAL A 293 -18.99 -2.31 10.62
CA VAL A 293 -18.27 -3.20 11.56
C VAL A 293 -18.29 -4.70 11.18
N THR A 294 -19.42 -5.16 10.60
CA THR A 294 -19.60 -6.54 10.22
C THR A 294 -18.83 -6.81 8.92
N GLN A 295 -18.88 -5.83 8.02
CA GLN A 295 -18.31 -6.04 6.70
C GLN A 295 -16.87 -6.20 6.80
N ALA A 296 -16.33 -5.56 7.77
CA ALA A 296 -14.91 -5.52 7.89
C ALA A 296 -14.41 -6.74 8.65
N LEU A 297 -15.30 -7.38 9.40
CA LEU A 297 -14.94 -8.56 10.18
C LEU A 297 -14.60 -9.66 9.22
N ASN A 298 -15.31 -9.58 8.11
CA ASN A 298 -15.28 -10.53 7.05
C ASN A 298 -13.97 -10.44 6.37
N GLU A 299 -13.68 -9.23 5.94
CA GLU A 299 -12.48 -9.09 5.17
C GLU A 299 -11.26 -9.31 6.09
N LEU A 300 -11.39 -9.12 7.38
CA LEU A 300 -10.27 -9.39 8.26
C LEU A 300 -9.86 -10.90 8.30
N LEU A 301 -10.68 -11.79 7.72
CA LEU A 301 -10.18 -13.21 7.58
C LEU A 301 -9.19 -13.63 6.42
#